data_6DBY
#
_entry.id   6DBY
#
_cell.length_a   36.190
_cell.length_b   73.070
_cell.length_c   116.540
_cell.angle_alpha   90.00
_cell.angle_beta   90.00
_cell.angle_gamma   90.00
#
_symmetry.space_group_name_H-M   'P 21 21 21'
#
loop_
_entity.id
_entity.type
_entity.pdbx_description
1 polymer 'Nudix hydrolase 1'
2 non-polymer 'MAGNESIUM ION'
3 water water
#
_entity_poly.entity_id   1
_entity_poly.type   'polypeptide(L)'
_entity_poly.pdbx_seq_one_letter_code
;GSHMSTGEAIPRVAVVVFILNGNSILLGRRRSSIGNSTFALPGGHLEFGESFEECAAREVMEETGLKIEKMKLLTVTNNV
FKEAPTPSHYVSVSIRAVLVDPSQEPKNMEPEKCEGWDWYDWENLPKPLFWPLEKLFGSGFNPFTHGGGD
;
_entity_poly.pdbx_strand_id   A,B
#
loop_
_chem_comp.id
_chem_comp.type
_chem_comp.name
_chem_comp.formula
MG non-polymer 'MAGNESIUM ION' 'Mg 2'
#
# COMPACT_ATOMS: atom_id res chain seq x y z
N ALA A 9 3.08 -5.42 17.42
CA ALA A 9 3.30 -6.81 17.06
C ALA A 9 2.94 -7.07 15.60
N ILE A 10 2.25 -6.11 14.98
CA ILE A 10 1.71 -6.31 13.63
C ILE A 10 2.10 -5.11 12.77
N PRO A 11 2.12 -5.26 11.45
CA PRO A 11 2.36 -4.11 10.58
C PRO A 11 1.17 -3.15 10.63
N ARG A 12 1.49 -1.85 10.68
CA ARG A 12 0.49 -0.80 10.75
C ARG A 12 0.57 0.08 9.50
N VAL A 13 -0.56 0.67 9.12
CA VAL A 13 -0.67 1.42 7.87
C VAL A 13 -0.57 2.90 8.16
N ALA A 14 0.33 3.58 7.45
CA ALA A 14 0.43 5.03 7.51
C ALA A 14 0.23 5.59 6.11
N VAL A 15 -0.27 6.82 6.07
CA VAL A 15 -0.42 7.57 4.81
C VAL A 15 0.47 8.79 4.90
N VAL A 16 1.28 9.03 3.87
CA VAL A 16 2.14 10.20 3.79
C VAL A 16 1.79 10.97 2.50
N VAL A 17 1.88 12.30 2.57
CA VAL A 17 1.35 13.14 1.51
C VAL A 17 2.48 13.98 0.93
N PHE A 18 2.69 13.84 -0.38
CA PHE A 18 3.47 14.79 -1.18
C PHE A 18 2.54 15.92 -1.63
N ILE A 19 2.64 17.08 -1.00
CA ILE A 19 1.85 18.23 -1.43
C ILE A 19 2.68 18.97 -2.49
N LEU A 20 2.27 18.86 -3.74
CA LEU A 20 3.05 19.36 -4.86
C LEU A 20 2.69 20.83 -5.07
N ASN A 21 3.63 21.72 -4.77
CA ASN A 21 3.39 23.17 -4.84
C ASN A 21 4.49 23.75 -5.74
N GLY A 22 4.15 24.04 -7.00
CA GLY A 22 5.16 24.49 -7.94
C GLY A 22 6.18 23.40 -8.15
N ASN A 23 7.45 23.63 -7.79
CA ASN A 23 8.46 22.58 -7.89
C ASN A 23 8.87 22.06 -6.51
N SER A 24 8.03 22.27 -5.50
CA SER A 24 8.37 22.01 -4.12
C SER A 24 7.39 21.05 -3.48
N ILE A 25 7.85 20.43 -2.39
CA ILE A 25 7.00 19.60 -1.55
C ILE A 25 7.15 20.11 -0.13
N LEU A 26 6.22 19.72 0.72
CA LEU A 26 6.25 20.15 2.11
C LEU A 26 6.95 19.09 2.96
N LEU A 27 7.90 19.52 3.79
CA LEU A 27 8.63 18.65 4.68
C LEU A 27 8.79 19.32 6.04
N GLY A 28 8.94 18.52 7.08
CA GLY A 28 9.22 19.07 8.40
C GLY A 28 10.05 18.10 9.21
N ARG A 29 10.86 18.64 10.13
CA ARG A 29 11.67 17.78 10.98
C ARG A 29 10.79 17.08 12.01
N ARG A 30 10.99 15.78 12.17
CA ARG A 30 10.24 15.01 13.14
C ARG A 30 10.67 15.31 14.58
N ARG A 31 9.69 15.29 15.48
CA ARG A 31 9.92 15.22 16.92
C ARG A 31 9.33 13.88 17.35
N SER A 32 10.17 12.88 17.56
CA SER A 32 9.67 11.50 17.63
C SER A 32 10.74 10.59 18.19
N SER A 33 10.31 9.41 18.64
CA SER A 33 11.25 8.37 19.05
C SER A 33 11.90 7.68 17.86
N ILE A 34 11.28 7.74 16.68
CA ILE A 34 11.80 7.14 15.46
C ILE A 34 12.15 8.26 14.49
N GLY A 35 13.40 8.29 14.05
CA GLY A 35 13.83 9.27 13.05
C GLY A 35 13.79 10.69 13.57
N ASN A 36 14.15 10.89 14.83
CA ASN A 36 14.06 12.22 15.43
C ASN A 36 14.90 13.22 14.65
N SER A 37 14.30 14.40 14.41
CA SER A 37 14.93 15.53 13.75
C SER A 37 15.14 15.36 12.24
N THR A 38 14.81 14.21 11.65
CA THR A 38 14.94 14.06 10.20
C THR A 38 13.72 14.65 9.48
N PHE A 39 13.93 15.02 8.22
CA PHE A 39 12.87 15.66 7.44
C PHE A 39 11.93 14.61 6.88
N ALA A 40 10.62 14.85 7.05
CA ALA A 40 9.62 13.87 6.66
C ALA A 40 8.38 14.60 6.14
N LEU A 41 7.51 13.82 5.52
CA LEU A 41 6.27 14.29 4.94
C LEU A 41 5.18 14.40 5.99
N PRO A 42 4.17 15.24 5.75
CA PRO A 42 2.99 15.19 6.61
C PRO A 42 2.24 13.89 6.37
N GLY A 43 1.54 13.45 7.39
CA GLY A 43 0.75 12.23 7.28
C GLY A 43 0.57 11.60 8.65
N GLY A 44 0.08 10.37 8.63
CA GLY A 44 -0.15 9.65 9.86
C GLY A 44 -0.93 8.36 9.61
N HIS A 45 -1.48 7.83 10.69
CA HIS A 45 -2.06 6.50 10.69
C HIS A 45 -3.43 6.49 10.02
N LEU A 46 -3.65 5.49 9.19
CA LEU A 46 -4.95 5.28 8.57
C LEU A 46 -5.95 4.83 9.64
N GLU A 47 -7.11 5.48 9.68
CA GLU A 47 -8.16 5.10 10.61
C GLU A 47 -9.01 4.00 10.01
N PHE A 48 -9.57 3.15 10.88
CA PHE A 48 -10.48 2.09 10.44
C PHE A 48 -11.64 2.69 9.66
N GLY A 49 -11.88 2.14 8.45
CA GLY A 49 -12.94 2.59 7.56
C GLY A 49 -12.59 3.76 6.67
N GLU A 50 -11.46 4.42 6.90
CA GLU A 50 -11.07 5.62 6.18
C GLU A 50 -10.41 5.27 4.85
N SER A 51 -10.66 6.09 3.82
CA SER A 51 -9.96 5.89 2.55
C SER A 51 -8.57 6.55 2.61
N PHE A 52 -7.70 6.16 1.68
CA PHE A 52 -6.40 6.82 1.58
C PHE A 52 -6.57 8.33 1.44
N GLU A 53 -7.45 8.74 0.53
CA GLU A 53 -7.62 10.16 0.23
C GLU A 53 -8.14 10.93 1.44
N GLU A 54 -9.14 10.39 2.15
CA GLU A 54 -9.65 11.04 3.34
C GLU A 54 -8.58 11.12 4.42
N CYS A 55 -7.77 10.06 4.55
CA CYS A 55 -6.69 10.08 5.53
C CYS A 55 -5.67 11.15 5.20
N ALA A 56 -5.28 11.25 3.92
CA ALA A 56 -4.29 12.25 3.52
C ALA A 56 -4.79 13.66 3.81
N ALA A 57 -6.02 13.97 3.41
CA ALA A 57 -6.55 15.31 3.68
C ALA A 57 -6.68 15.57 5.18
N ARG A 58 -7.10 14.57 5.94
CA ARG A 58 -7.31 14.76 7.37
C ARG A 58 -6.00 14.99 8.09
N GLU A 59 -5.00 14.13 7.85
CA GLU A 59 -3.74 14.28 8.55
C GLU A 59 -3.06 15.59 8.18
N VAL A 60 -3.14 15.95 6.90
CA VAL A 60 -2.51 17.22 6.49
C VAL A 60 -3.21 18.38 7.19
N MET A 61 -4.54 18.37 7.22
CA MET A 61 -5.26 19.41 7.94
C MET A 61 -4.84 19.45 9.41
N GLU A 62 -4.79 18.27 10.07
CA GLU A 62 -4.49 18.23 11.49
C GLU A 62 -3.07 18.69 11.78
N GLU A 63 -2.13 18.40 10.89
CA GLU A 63 -0.74 18.73 11.17
C GLU A 63 -0.32 20.08 10.63
N THR A 64 -0.95 20.56 9.56
CA THR A 64 -0.46 21.76 8.89
C THR A 64 -1.51 22.84 8.70
N GLY A 65 -2.79 22.54 8.90
CA GLY A 65 -3.85 23.47 8.60
C GLY A 65 -4.16 23.63 7.12
N LEU A 66 -3.40 22.99 6.24
CA LEU A 66 -3.62 23.15 4.81
C LEU A 66 -4.81 22.32 4.34
N LYS A 67 -5.60 22.91 3.45
CA LYS A 67 -6.67 22.23 2.73
C LYS A 67 -6.10 21.75 1.40
N ILE A 68 -6.14 20.44 1.15
CA ILE A 68 -5.60 19.87 -0.09
C ILE A 68 -6.73 19.14 -0.82
N GLU A 69 -6.48 18.86 -2.11
CA GLU A 69 -7.47 18.25 -2.99
C GLU A 69 -6.74 17.44 -4.04
N LYS A 70 -7.52 16.70 -4.83
CA LYS A 70 -7.01 15.93 -5.97
C LYS A 70 -6.01 14.86 -5.52
N MET A 71 -6.30 14.22 -4.38
CA MET A 71 -5.43 13.19 -3.84
C MET A 71 -5.34 12.02 -4.82
N LYS A 72 -4.11 11.60 -5.14
CA LYS A 72 -3.88 10.47 -6.03
C LYS A 72 -2.82 9.55 -5.43
N LEU A 73 -3.03 8.25 -5.60
CA LEU A 73 -2.10 7.27 -5.09
C LEU A 73 -0.78 7.33 -5.86
N LEU A 74 0.33 7.28 -5.12
CA LEU A 74 1.65 7.15 -5.73
C LEU A 74 2.14 5.71 -5.62
N THR A 75 2.56 5.30 -4.44
CA THR A 75 3.09 3.95 -4.28
C THR A 75 3.00 3.56 -2.81
N VAL A 76 3.62 2.44 -2.46
CA VAL A 76 3.60 1.95 -1.09
C VAL A 76 4.99 1.42 -0.76
N THR A 77 5.43 1.63 0.48
CA THR A 77 6.73 1.15 0.92
C THR A 77 6.57 0.38 2.21
N ASN A 78 7.48 -0.58 2.42
CA ASN A 78 7.51 -1.42 3.61
C ASN A 78 8.64 -0.93 4.52
N ASN A 79 8.28 -0.36 5.68
CA ASN A 79 9.25 0.27 6.58
C ASN A 79 9.31 -0.49 7.90
N VAL A 80 10.30 -1.38 8.04
CA VAL A 80 10.53 -2.09 9.29
C VAL A 80 11.55 -1.30 10.11
N PHE A 81 11.19 -0.93 11.33
CA PHE A 81 12.08 -0.17 12.21
C PHE A 81 12.60 -1.10 13.30
N LYS A 82 13.75 -1.72 13.02
CA LYS A 82 14.33 -2.71 13.94
C LYS A 82 14.92 -2.07 15.19
N GLU A 83 15.59 -0.94 15.04
CA GLU A 83 16.32 -0.33 16.15
C GLU A 83 15.43 0.55 17.02
N ALA A 84 14.15 0.65 16.74
CA ALA A 84 13.27 1.52 17.50
C ALA A 84 13.24 1.09 18.96
N PRO A 85 12.95 2.02 19.89
CA PRO A 85 12.80 1.61 21.30
C PRO A 85 11.84 0.45 21.47
N THR A 86 10.65 0.54 20.90
CA THR A 86 9.76 -0.60 20.75
C THR A 86 9.64 -0.93 19.27
N PRO A 87 10.08 -2.10 18.82
CA PRO A 87 10.14 -2.38 17.38
C PRO A 87 8.79 -2.18 16.71
N SER A 88 8.80 -1.44 15.59
CA SER A 88 7.60 -1.10 14.86
C SER A 88 7.76 -1.47 13.39
N HIS A 89 6.63 -1.68 12.73
CA HIS A 89 6.59 -2.03 11.32
C HIS A 89 5.47 -1.25 10.67
N TYR A 90 5.80 -0.37 9.74
CA TYR A 90 4.81 0.47 9.08
C TYR A 90 4.79 0.24 7.57
N VAL A 91 3.60 0.18 7.02
CA VAL A 91 3.40 0.13 5.58
C VAL A 91 2.90 1.52 5.17
N SER A 92 3.69 2.21 4.36
CA SER A 92 3.54 3.63 4.13
C SER A 92 2.95 3.85 2.74
N VAL A 93 1.72 4.35 2.70
CA VAL A 93 1.03 4.61 1.44
C VAL A 93 1.23 6.08 1.12
N SER A 94 1.79 6.37 -0.05
CA SER A 94 2.09 7.74 -0.40
C SER A 94 1.03 8.27 -1.36
N ILE A 95 0.67 9.52 -1.15
CA ILE A 95 -0.40 10.20 -1.86
C ILE A 95 0.16 11.52 -2.37
N ARG A 96 -0.15 11.88 -3.60
CA ARG A 96 0.15 13.23 -4.03
C ARG A 96 -1.14 14.05 -4.07
N ALA A 97 -1.00 15.34 -3.82
CA ALA A 97 -2.14 16.24 -3.67
C ALA A 97 -1.68 17.67 -3.94
N VAL A 98 -2.64 18.58 -4.07
CA VAL A 98 -2.33 19.99 -4.26
C VAL A 98 -3.20 20.82 -3.32
N LEU A 99 -2.77 22.05 -3.08
CA LEU A 99 -3.57 22.98 -2.29
C LEU A 99 -4.88 23.31 -3.00
N VAL A 100 -5.92 23.54 -2.20
CA VAL A 100 -7.17 24.07 -2.72
C VAL A 100 -6.98 25.54 -3.03
N ASP A 101 -6.74 26.34 -2.00
CA ASP A 101 -6.43 27.75 -2.20
C ASP A 101 -4.93 27.89 -2.40
N PRO A 102 -4.47 28.35 -3.56
CA PRO A 102 -3.02 28.36 -3.82
C PRO A 102 -2.23 29.35 -2.99
N SER A 103 -2.89 30.25 -2.26
CA SER A 103 -2.17 31.22 -1.43
C SER A 103 -1.92 30.72 -0.02
N GLN A 104 -2.35 29.50 0.32
CA GLN A 104 -2.25 29.00 1.69
C GLN A 104 -0.82 28.81 2.12
N GLU A 105 -0.59 28.99 3.41
CA GLU A 105 0.71 28.74 3.99
C GLU A 105 0.52 27.84 5.20
N PRO A 106 1.48 26.94 5.45
CA PRO A 106 1.32 25.99 6.56
C PRO A 106 1.45 26.67 7.92
N LYS A 107 0.93 25.98 8.91
CA LYS A 107 1.07 26.33 10.32
C LYS A 107 1.51 25.06 11.03
N ASN A 108 2.38 25.21 12.03
CA ASN A 108 2.82 24.05 12.82
C ASN A 108 1.74 23.72 13.84
N MET A 109 0.75 22.93 13.40
CA MET A 109 -0.41 22.70 14.23
C MET A 109 -0.16 21.73 15.37
N GLU A 110 0.87 20.88 15.25
CA GLU A 110 1.18 19.87 16.26
C GLU A 110 2.65 20.00 16.61
N PRO A 111 3.00 21.01 17.41
CA PRO A 111 4.43 21.27 17.68
C PRO A 111 5.10 20.16 18.47
N GLU A 112 4.32 19.27 19.08
CA GLU A 112 4.90 18.16 19.82
C GLU A 112 5.44 17.08 18.88
N LYS A 113 4.97 17.04 17.65
CA LYS A 113 5.38 16.02 16.68
C LYS A 113 6.28 16.56 15.59
N CYS A 114 6.45 17.88 15.49
CA CYS A 114 7.13 18.46 14.33
C CYS A 114 7.73 19.80 14.70
N GLU A 115 8.96 20.04 14.25
CA GLU A 115 9.61 21.32 14.50
C GLU A 115 9.00 22.46 13.68
N GLY A 116 8.32 22.14 12.58
CA GLY A 116 7.76 23.14 11.68
C GLY A 116 7.80 22.64 10.24
N TRP A 117 6.88 23.17 9.43
CA TRP A 117 6.71 22.77 8.04
C TRP A 117 7.24 23.86 7.11
N ASP A 118 7.83 23.44 6.00
CA ASP A 118 8.30 24.38 4.99
C ASP A 118 8.27 23.70 3.63
N TRP A 119 8.28 24.53 2.59
CA TRP A 119 8.35 24.08 1.20
C TRP A 119 9.81 23.90 0.81
N TYR A 120 10.12 22.78 0.17
CA TYR A 120 11.48 22.54 -0.33
C TYR A 120 11.41 22.15 -1.80
N ASP A 121 12.25 22.79 -2.60
CA ASP A 121 12.36 22.48 -4.01
C ASP A 121 12.88 21.05 -4.21
N TRP A 122 12.28 20.35 -5.18
CA TRP A 122 12.66 18.96 -5.43
C TRP A 122 14.15 18.81 -5.66
N GLU A 123 14.78 19.77 -6.33
CA GLU A 123 16.22 19.65 -6.58
C GLU A 123 17.05 20.42 -5.56
N ASN A 124 16.48 20.83 -4.43
CA ASN A 124 17.23 21.34 -3.28
C ASN A 124 16.59 20.84 -1.99
N LEU A 125 16.53 19.53 -1.83
CA LEU A 125 15.88 18.97 -0.66
C LEU A 125 16.78 19.10 0.56
N PRO A 126 16.19 19.18 1.75
CA PRO A 126 16.98 19.24 2.98
C PRO A 126 17.51 17.87 3.39
N LYS A 127 18.46 17.89 4.31
CA LYS A 127 19.07 16.68 4.85
C LYS A 127 19.18 16.82 6.36
N PRO A 128 19.09 15.72 7.10
CA PRO A 128 18.87 14.35 6.61
C PRO A 128 17.39 14.06 6.40
N LEU A 129 17.08 13.35 5.33
CA LEU A 129 15.73 12.83 5.16
C LEU A 129 15.48 11.65 6.07
N PHE A 130 14.26 11.57 6.59
CA PHE A 130 13.77 10.35 7.23
C PHE A 130 14.13 9.15 6.36
N TRP A 131 14.73 8.12 6.96
CA TRP A 131 15.38 7.12 6.11
C TRP A 131 14.43 6.39 5.16
N PRO A 132 13.16 6.14 5.48
CA PRO A 132 12.30 5.53 4.44
C PRO A 132 12.20 6.44 3.23
N LEU A 133 12.17 7.76 3.47
CA LEU A 133 12.08 8.73 2.39
C LEU A 133 13.38 8.82 1.62
N GLU A 134 14.50 8.76 2.34
CA GLU A 134 15.80 8.72 1.67
C GLU A 134 15.91 7.48 0.79
N LYS A 135 15.40 6.35 1.26
CA LYS A 135 15.49 5.13 0.47
C LYS A 135 14.60 5.21 -0.77
N LEU A 136 13.37 5.75 -0.61
CA LEU A 136 12.49 5.93 -1.75
C LEU A 136 13.10 6.86 -2.79
N PHE A 137 13.61 8.02 -2.36
CA PHE A 137 14.20 8.93 -3.34
C PHE A 137 15.43 8.30 -3.99
N GLY A 138 16.22 7.57 -3.21
CA GLY A 138 17.39 6.91 -3.77
C GLY A 138 17.06 5.93 -4.88
N SER A 139 15.86 5.34 -4.84
CA SER A 139 15.48 4.43 -5.90
C SER A 139 15.10 5.13 -7.20
N GLY A 140 15.05 6.46 -7.22
CA GLY A 140 14.64 7.18 -8.40
C GLY A 140 13.21 7.66 -8.39
N PHE A 141 12.47 7.39 -7.31
CA PHE A 141 11.10 7.83 -7.22
C PHE A 141 11.00 9.35 -7.34
N ASN A 142 10.00 9.79 -8.08
CA ASN A 142 9.81 11.24 -8.28
C ASN A 142 8.32 11.50 -8.30
N PRO A 143 7.78 12.21 -7.30
CA PRO A 143 6.31 12.38 -7.24
C PRO A 143 5.78 13.29 -8.32
N PHE A 144 6.64 14.03 -9.01
CA PHE A 144 6.23 14.98 -10.03
C PHE A 144 6.03 14.35 -11.41
N THR A 145 6.40 13.09 -11.61
CA THR A 145 6.40 12.55 -12.97
C THR A 145 5.32 11.52 -13.20
N HIS A 146 4.17 11.67 -12.53
CA HIS A 146 3.04 10.77 -12.72
C HIS A 146 1.79 11.50 -13.24
N GLY A 147 1.99 12.64 -13.89
CA GLY A 147 0.90 13.40 -14.53
C GLY A 147 -0.23 13.72 -13.54
N ALA B 9 -10.58 -2.87 16.01
CA ALA B 9 -10.92 -2.49 14.64
C ALA B 9 -9.84 -1.55 14.09
N ILE B 10 -9.06 -2.04 13.13
CA ILE B 10 -7.86 -1.31 12.71
C ILE B 10 -7.43 -1.84 11.34
N PRO B 11 -6.98 -0.98 10.42
CA PRO B 11 -6.57 -1.48 9.11
C PRO B 11 -5.46 -2.51 9.22
N ARG B 12 -5.58 -3.59 8.45
CA ARG B 12 -4.60 -4.67 8.44
C ARG B 12 -4.03 -4.83 7.04
N VAL B 13 -2.77 -5.20 6.96
CA VAL B 13 -2.06 -5.32 5.69
C VAL B 13 -2.18 -6.76 5.20
N ALA B 14 -2.65 -6.90 3.97
CA ALA B 14 -2.59 -8.16 3.25
C ALA B 14 -1.75 -7.97 2.00
N VAL B 15 -1.17 -9.06 1.53
CA VAL B 15 -0.45 -9.10 0.27
C VAL B 15 -1.17 -10.09 -0.61
N VAL B 16 -1.46 -9.69 -1.85
CA VAL B 16 -2.08 -10.57 -2.83
C VAL B 16 -1.13 -10.65 -4.00
N VAL B 17 -1.21 -11.78 -4.72
CA VAL B 17 -0.20 -12.11 -5.71
C VAL B 17 -0.86 -12.40 -7.04
N PHE B 18 -0.48 -11.63 -8.06
CA PHE B 18 -0.79 -11.97 -9.45
C PHE B 18 0.30 -12.92 -9.95
N ILE B 19 -0.02 -14.21 -10.06
CA ILE B 19 0.90 -15.20 -10.59
C ILE B 19 0.69 -15.26 -12.09
N LEU B 20 1.63 -14.71 -12.85
CA LEU B 20 1.50 -14.55 -14.29
C LEU B 20 1.99 -15.82 -14.98
N ASN B 21 1.10 -16.52 -15.66
CA ASN B 21 1.39 -17.77 -16.37
C ASN B 21 0.99 -17.54 -17.82
N GLY B 22 1.96 -17.17 -18.65
CA GLY B 22 1.65 -16.86 -20.02
C GLY B 22 0.70 -15.69 -20.10
N ASN B 23 -0.50 -15.95 -20.62
CA ASN B 23 -1.54 -14.94 -20.74
C ASN B 23 -2.53 -14.97 -19.58
N SER B 24 -2.27 -15.77 -18.55
CA SER B 24 -3.27 -16.10 -17.56
C SER B 24 -2.80 -15.75 -16.15
N ILE B 25 -3.75 -15.70 -15.22
CA ILE B 25 -3.45 -15.51 -13.80
C ILE B 25 -4.20 -16.56 -13.00
N LEU B 26 -3.69 -16.84 -11.81
CA LEU B 26 -4.30 -17.81 -10.90
C LEU B 26 -5.42 -17.18 -10.08
N LEU B 27 -6.59 -17.82 -10.06
CA LEU B 27 -7.72 -17.38 -9.24
C LEU B 27 -8.42 -18.59 -8.63
N GLY B 28 -9.11 -18.37 -7.52
CA GLY B 28 -9.98 -19.38 -6.94
C GLY B 28 -11.11 -18.76 -6.16
N ARG B 29 -12.24 -19.48 -6.10
CA ARG B 29 -13.38 -18.99 -5.33
C ARG B 29 -13.09 -19.05 -3.84
N ARG B 30 -13.37 -17.96 -3.14
CA ARG B 30 -13.19 -17.93 -1.70
C ARG B 30 -14.25 -18.76 -0.99
N ARG B 31 -13.84 -19.40 0.11
CA ARG B 31 -14.75 -19.89 1.14
C ARG B 31 -14.49 -19.00 2.34
N SER B 32 -15.38 -18.06 2.61
CA SER B 32 -15.08 -17.05 3.61
C SER B 32 -16.35 -16.32 3.99
N SER B 33 -16.28 -15.60 5.10
CA SER B 33 -17.36 -14.70 5.49
C SER B 33 -17.39 -13.44 4.65
N ILE B 34 -16.37 -13.22 3.82
CA ILE B 34 -16.22 -12.00 3.04
C ILE B 34 -15.98 -12.40 1.59
N GLY B 35 -16.84 -11.95 0.70
CA GLY B 35 -16.73 -12.30 -0.71
C GLY B 35 -16.87 -13.78 -0.97
N ASN B 36 -17.69 -14.49 -0.19
CA ASN B 36 -17.83 -15.93 -0.35
C ASN B 36 -18.20 -16.25 -1.80
N SER B 37 -17.49 -17.23 -2.36
CA SER B 37 -17.69 -17.82 -3.67
C SER B 37 -17.18 -16.93 -4.80
N THR B 38 -16.68 -15.71 -4.53
CA THR B 38 -16.11 -14.90 -5.60
C THR B 38 -14.66 -15.30 -5.87
N PHE B 39 -14.22 -15.06 -7.11
CA PHE B 39 -12.88 -15.41 -7.55
C PHE B 39 -11.88 -14.37 -7.05
N ALA B 40 -10.81 -14.83 -6.39
CA ALA B 40 -9.83 -13.94 -5.80
C ALA B 40 -8.44 -14.53 -6.03
N LEU B 41 -7.42 -13.73 -5.71
CA LEU B 41 -6.01 -14.06 -5.84
C LEU B 41 -5.52 -14.80 -4.60
N PRO B 42 -4.44 -15.58 -4.73
CA PRO B 42 -3.73 -16.06 -3.54
C PRO B 42 -3.16 -14.90 -2.74
N GLY B 43 -3.16 -15.03 -1.42
CA GLY B 43 -2.63 -13.97 -0.59
C GLY B 43 -2.87 -14.26 0.88
N GLY B 44 -2.44 -13.32 1.71
CA GLY B 44 -2.58 -13.49 3.14
C GLY B 44 -2.03 -12.30 3.88
N HIS B 45 -2.02 -12.42 5.20
CA HIS B 45 -1.65 -11.30 6.05
C HIS B 45 -0.14 -11.12 6.09
N LEU B 46 0.30 -9.86 6.01
CA LEU B 46 1.71 -9.55 6.18
C LEU B 46 2.10 -9.77 7.64
N GLU B 47 3.21 -10.47 7.85
CA GLU B 47 3.69 -10.72 9.19
C GLU B 47 4.64 -9.61 9.60
N PHE B 48 4.73 -9.38 10.92
CA PHE B 48 5.68 -8.41 11.44
C PHE B 48 7.09 -8.68 10.91
N GLY B 49 7.79 -7.59 10.57
CA GLY B 49 9.13 -7.68 10.04
C GLY B 49 9.27 -8.29 8.67
N GLU B 50 8.20 -8.80 8.09
CA GLU B 50 8.26 -9.46 6.80
C GLU B 50 8.28 -8.45 5.65
N SER B 51 8.92 -8.83 4.55
CA SER B 51 8.87 -8.02 3.34
C SER B 51 7.69 -8.44 2.47
N PHE B 52 7.27 -7.53 1.56
CA PHE B 52 6.18 -7.85 0.65
C PHE B 52 6.50 -9.11 -0.16
N GLU B 53 7.74 -9.20 -0.65
CA GLU B 53 8.13 -10.32 -1.50
C GLU B 53 8.18 -11.62 -0.71
N GLU B 54 8.65 -11.54 0.54
CA GLU B 54 8.65 -12.74 1.39
C GLU B 54 7.23 -13.22 1.64
N CYS B 55 6.36 -12.31 2.08
CA CYS B 55 4.97 -12.65 2.35
C CYS B 55 4.29 -13.23 1.11
N ALA B 56 4.59 -12.66 -0.06
CA ALA B 56 4.00 -13.16 -1.30
C ALA B 56 4.33 -14.64 -1.50
N ALA B 57 5.61 -15.01 -1.36
CA ALA B 57 6.00 -16.39 -1.64
C ALA B 57 5.59 -17.34 -0.52
N ARG B 58 5.55 -16.86 0.72
CA ARG B 58 5.09 -17.70 1.82
C ARG B 58 3.60 -18.02 1.69
N GLU B 59 2.78 -17.00 1.47
CA GLU B 59 1.32 -17.22 1.40
C GLU B 59 0.94 -18.03 0.17
N VAL B 60 1.60 -17.78 -0.95
CA VAL B 60 1.32 -18.57 -2.15
C VAL B 60 1.73 -20.03 -1.93
N MET B 61 2.85 -20.26 -1.25
CA MET B 61 3.25 -21.62 -0.90
C MET B 61 2.21 -22.26 0.02
N GLU B 62 1.85 -21.57 1.11
CA GLU B 62 0.90 -22.12 2.07
C GLU B 62 -0.44 -22.47 1.42
N GLU B 63 -0.87 -21.68 0.44
CA GLU B 63 -2.21 -21.80 -0.11
C GLU B 63 -2.28 -22.66 -1.36
N THR B 64 -1.24 -22.67 -2.20
CA THR B 64 -1.27 -23.36 -3.48
C THR B 64 -0.16 -24.39 -3.65
N GLY B 65 0.87 -24.38 -2.80
CA GLY B 65 2.05 -25.21 -3.00
C GLY B 65 2.97 -24.77 -4.12
N LEU B 66 2.63 -23.70 -4.84
CA LEU B 66 3.43 -23.28 -5.99
C LEU B 66 4.68 -22.51 -5.55
N LYS B 67 5.72 -22.60 -6.38
CA LYS B 67 6.98 -21.89 -6.18
C LYS B 67 7.04 -20.70 -7.12
N ILE B 68 7.14 -19.49 -6.58
CA ILE B 68 7.13 -18.29 -7.40
C ILE B 68 8.44 -17.53 -7.24
N GLU B 69 8.80 -16.80 -8.28
CA GLU B 69 10.02 -15.99 -8.32
C GLU B 69 9.73 -14.66 -9.01
N LYS B 70 10.72 -13.76 -8.95
CA LYS B 70 10.66 -12.46 -9.64
C LYS B 70 9.47 -11.62 -9.16
N MET B 71 9.30 -11.58 -7.85
CA MET B 71 8.28 -10.76 -7.22
C MET B 71 8.58 -9.28 -7.44
N LYS B 72 7.60 -8.54 -7.96
CA LYS B 72 7.71 -7.09 -8.17
C LYS B 72 6.43 -6.43 -7.69
N LEU B 73 6.59 -5.31 -6.98
CA LEU B 73 5.45 -4.58 -6.45
C LEU B 73 4.59 -3.99 -7.56
N LEU B 74 3.28 -4.14 -7.43
CA LEU B 74 2.36 -3.54 -8.39
C LEU B 74 1.72 -2.28 -7.80
N THR B 75 0.76 -2.45 -6.90
CA THR B 75 0.04 -1.29 -6.39
C THR B 75 -0.55 -1.67 -5.04
N VAL B 76 -1.47 -0.85 -4.54
CA VAL B 76 -2.10 -1.08 -3.24
C VAL B 76 -3.52 -0.56 -3.32
N THR B 77 -4.44 -1.25 -2.64
CA THR B 77 -5.85 -0.84 -2.62
C THR B 77 -6.34 -0.85 -1.18
N ASN B 78 -7.37 -0.06 -0.94
CA ASN B 78 -7.97 0.09 0.39
C ASN B 78 -9.30 -0.65 0.35
N ASN B 79 -9.40 -1.74 1.11
CA ASN B 79 -10.56 -2.64 1.04
C ASN B 79 -11.27 -2.61 2.38
N VAL B 80 -12.33 -1.81 2.49
CA VAL B 80 -13.10 -1.71 3.73
C VAL B 80 -14.31 -2.60 3.59
N PHE B 81 -14.51 -3.53 4.53
CA PHE B 81 -15.60 -4.50 4.45
C PHE B 81 -16.61 -4.19 5.56
N LYS B 82 -17.53 -3.27 5.26
CA LYS B 82 -18.53 -2.84 6.22
C LYS B 82 -19.67 -3.84 6.34
N GLU B 83 -20.02 -4.49 5.23
CA GLU B 83 -21.08 -5.50 5.25
C GLU B 83 -20.79 -6.60 6.27
N ALA B 84 -19.52 -7.02 6.39
CA ALA B 84 -19.05 -8.18 7.13
C ALA B 84 -19.68 -8.33 8.51
N PRO B 85 -19.76 -9.58 9.03
CA PRO B 85 -20.27 -9.79 10.40
C PRO B 85 -19.49 -8.94 11.40
N THR B 86 -18.19 -9.19 11.52
CA THR B 86 -17.31 -8.21 12.11
C THR B 86 -16.73 -7.33 11.01
N PRO B 87 -17.01 -6.03 10.98
CA PRO B 87 -16.49 -5.18 9.90
C PRO B 87 -14.98 -5.24 9.85
N SER B 88 -14.45 -5.35 8.63
CA SER B 88 -13.02 -5.49 8.42
C SER B 88 -12.50 -4.38 7.50
N HIS B 89 -11.19 -4.15 7.59
CA HIS B 89 -10.50 -3.14 6.79
C HIS B 89 -9.12 -3.69 6.45
N TYR B 90 -8.90 -4.01 5.18
CA TYR B 90 -7.64 -4.55 4.72
C TYR B 90 -7.01 -3.58 3.71
N VAL B 91 -5.73 -3.33 3.89
CA VAL B 91 -4.95 -2.59 2.90
C VAL B 91 -4.16 -3.62 2.11
N SER B 92 -4.42 -3.68 0.80
CA SER B 92 -4.07 -4.85 0.00
C SER B 92 -2.94 -4.51 -0.98
N VAL B 93 -1.77 -5.07 -0.73
CA VAL B 93 -0.56 -4.83 -1.53
C VAL B 93 -0.44 -5.94 -2.56
N SER B 94 -0.45 -5.58 -3.84
CA SER B 94 -0.42 -6.57 -4.91
C SER B 94 1.00 -6.74 -5.43
N ILE B 95 1.36 -7.99 -5.67
CA ILE B 95 2.69 -8.38 -6.13
C ILE B 95 2.51 -9.19 -7.41
N ARG B 96 3.38 -8.97 -8.39
CA ARG B 96 3.41 -9.81 -9.57
C ARG B 96 4.54 -10.81 -9.42
N ALA B 97 4.32 -12.01 -9.92
CA ALA B 97 5.33 -13.06 -9.82
C ALA B 97 5.07 -14.08 -10.93
N VAL B 98 6.05 -14.97 -11.11
CA VAL B 98 5.95 -16.00 -12.13
C VAL B 98 6.38 -17.31 -11.50
N LEU B 99 5.93 -18.40 -12.11
CA LEU B 99 6.34 -19.71 -11.66
C LEU B 99 7.81 -19.94 -11.95
N VAL B 100 8.51 -20.53 -10.97
CA VAL B 100 9.82 -21.12 -11.26
C VAL B 100 9.73 -22.14 -12.39
N ASP B 101 8.81 -23.11 -12.26
CA ASP B 101 8.56 -24.08 -13.33
C ASP B 101 7.20 -23.83 -13.95
N PRO B 102 7.12 -23.33 -15.18
CA PRO B 102 5.81 -22.98 -15.77
C PRO B 102 4.88 -24.17 -15.95
N SER B 103 5.28 -25.35 -15.47
CA SER B 103 4.48 -26.55 -15.55
C SER B 103 3.95 -27.02 -14.21
N GLN B 104 4.47 -26.50 -13.09
CA GLN B 104 3.96 -26.89 -11.78
C GLN B 104 2.49 -26.52 -11.67
N GLU B 105 1.69 -27.46 -11.15
CA GLU B 105 0.27 -27.20 -11.08
C GLU B 105 -0.15 -26.91 -9.64
N PRO B 106 -1.19 -26.12 -9.44
CA PRO B 106 -1.60 -25.76 -8.08
C PRO B 106 -2.21 -26.93 -7.34
N LYS B 107 -2.21 -26.82 -6.02
CA LYS B 107 -2.91 -27.73 -5.12
C LYS B 107 -3.74 -26.91 -4.16
N ASN B 108 -4.97 -27.35 -3.89
CA ASN B 108 -5.84 -26.64 -2.96
C ASN B 108 -5.40 -26.99 -1.53
N MET B 109 -4.38 -26.27 -1.05
CA MET B 109 -3.77 -26.64 0.23
C MET B 109 -4.63 -26.27 1.42
N GLU B 110 -5.47 -25.23 1.31
CA GLU B 110 -6.32 -24.79 2.41
C GLU B 110 -7.77 -24.87 1.95
N PRO B 111 -8.33 -26.08 1.88
CA PRO B 111 -9.70 -26.23 1.34
C PRO B 111 -10.76 -25.53 2.16
N GLU B 112 -10.47 -25.22 3.43
CA GLU B 112 -11.41 -24.47 4.24
C GLU B 112 -11.55 -23.03 3.78
N LYS B 113 -10.61 -22.52 2.98
CA LYS B 113 -10.61 -21.12 2.54
C LYS B 113 -10.79 -20.91 1.05
N CYS B 114 -10.72 -21.96 0.23
CA CYS B 114 -10.73 -21.81 -1.20
C CYS B 114 -11.34 -23.05 -1.83
N GLU B 115 -12.19 -22.86 -2.85
CA GLU B 115 -12.74 -24.01 -3.57
C GLU B 115 -11.69 -24.68 -4.46
N GLY B 116 -10.60 -24.00 -4.74
CA GLY B 116 -9.57 -24.54 -5.63
C GLY B 116 -9.08 -23.50 -6.63
N TRP B 117 -7.85 -23.68 -7.08
CA TRP B 117 -7.16 -22.72 -7.92
C TRP B 117 -7.18 -23.18 -9.37
N ASP B 118 -7.19 -22.21 -10.28
CA ASP B 118 -7.17 -22.49 -11.70
C ASP B 118 -6.58 -21.29 -12.42
N TRP B 119 -6.15 -21.52 -13.66
CA TRP B 119 -5.61 -20.46 -14.51
C TRP B 119 -6.71 -19.88 -15.39
N TYR B 120 -6.74 -18.55 -15.48
CA TYR B 120 -7.75 -17.87 -16.28
C TYR B 120 -7.09 -16.85 -17.20
N ASP B 121 -7.38 -16.95 -18.49
CA ASP B 121 -6.83 -16.02 -19.46
C ASP B 121 -7.30 -14.59 -19.17
N TRP B 122 -6.37 -13.64 -19.32
CA TRP B 122 -6.69 -12.25 -19.01
C TRP B 122 -7.92 -11.76 -19.76
N GLU B 123 -8.08 -12.21 -21.01
CA GLU B 123 -9.17 -11.75 -21.86
C GLU B 123 -10.46 -12.56 -21.68
N ASN B 124 -10.45 -13.59 -20.82
CA ASN B 124 -11.68 -14.34 -20.48
C ASN B 124 -11.66 -14.66 -18.99
N LEU B 125 -11.82 -13.63 -18.17
CA LEU B 125 -11.73 -13.84 -16.73
C LEU B 125 -13.06 -14.35 -16.18
N PRO B 126 -13.04 -15.07 -15.07
CA PRO B 126 -14.27 -15.61 -14.51
C PRO B 126 -15.06 -14.55 -13.73
N LYS B 127 -16.34 -14.85 -13.52
CA LYS B 127 -17.26 -14.00 -12.79
C LYS B 127 -17.96 -14.81 -11.73
N PRO B 128 -18.29 -14.22 -10.58
CA PRO B 128 -17.99 -12.86 -10.16
C PRO B 128 -16.61 -12.75 -9.52
N LEU B 129 -15.84 -11.75 -9.93
CA LEU B 129 -14.60 -11.44 -9.23
C LEU B 129 -14.91 -10.88 -7.85
N PHE B 130 -14.05 -11.21 -6.90
CA PHE B 130 -14.05 -10.52 -5.61
C PHE B 130 -14.04 -9.00 -5.85
N TRP B 131 -14.95 -8.29 -5.19
CA TRP B 131 -15.22 -6.92 -5.65
C TRP B 131 -14.00 -5.99 -5.59
N PRO B 132 -13.11 -6.06 -4.60
CA PRO B 132 -11.90 -5.21 -4.71
C PRO B 132 -11.10 -5.49 -5.97
N LEU B 133 -11.15 -6.74 -6.44
CA LEU B 133 -10.40 -7.10 -7.64
C LEU B 133 -11.06 -6.55 -8.90
N GLU B 134 -12.40 -6.63 -8.99
CA GLU B 134 -13.05 -6.09 -10.18
C GLU B 134 -12.96 -4.57 -10.18
N LYS B 135 -13.05 -3.94 -9.00
CA LYS B 135 -12.82 -2.50 -8.89
C LYS B 135 -11.45 -2.12 -9.46
N LEU B 136 -10.40 -2.82 -8.99
CA LEU B 136 -9.06 -2.57 -9.50
C LEU B 136 -8.99 -2.73 -11.01
N PHE B 137 -9.55 -3.83 -11.54
CA PHE B 137 -9.51 -4.04 -12.98
C PHE B 137 -10.32 -2.97 -13.72
N GLY B 138 -11.46 -2.56 -13.16
CA GLY B 138 -12.28 -1.52 -13.78
C GLY B 138 -11.55 -0.21 -13.98
N SER B 139 -10.52 0.05 -13.19
CA SER B 139 -9.69 1.25 -13.30
C SER B 139 -8.69 1.17 -14.45
N GLY B 140 -8.71 0.11 -15.24
CA GLY B 140 -7.73 -0.08 -16.28
C GLY B 140 -6.48 -0.80 -15.84
N PHE B 141 -6.38 -1.19 -14.57
CA PHE B 141 -5.18 -1.86 -14.09
C PHE B 141 -4.93 -3.14 -14.86
N ASN B 142 -3.68 -3.36 -15.25
CA ASN B 142 -3.28 -4.57 -15.95
C ASN B 142 -2.00 -5.10 -15.31
N PRO B 143 -2.02 -6.29 -14.70
CA PRO B 143 -0.80 -6.80 -14.05
C PRO B 143 0.29 -7.21 -15.02
N PHE B 144 -0.02 -7.40 -16.30
CA PHE B 144 1.00 -7.80 -17.26
C PHE B 144 1.84 -6.61 -17.71
N THR B 145 1.28 -5.40 -17.71
CA THR B 145 2.01 -4.19 -18.11
C THR B 145 2.48 -3.40 -16.91
N HIS B 146 1.55 -2.91 -16.08
CA HIS B 146 1.80 -2.04 -14.92
C HIS B 146 3.23 -2.02 -14.37
MG MG C . 4.04 21.49 -11.73
#